data_9GZU
#
_entry.id   9GZU
#
_cell.length_a   173.780
_cell.length_b   173.780
_cell.length_c   173.780
_cell.angle_alpha   90.000
_cell.angle_beta   90.000
_cell.angle_gamma   90.000
#
_symmetry.space_group_name_H-M   'F 4 3 2'
#
loop_
_entity.id
_entity.type
_entity.pdbx_description
1 polymer Bacterioferritin
2 non-polymer 'SODIUM ION'
3 non-polymer 'CHLORIDE ION'
4 non-polymer 'SULFATE ION'
5 water water
#
_entity_poly.entity_id   1
_entity_poly.type   'polypeptide(L)'
_entity_poly.pdbx_seq_one_letter_code
;GPGSMKGEPKVIERLNEALFLELGAVNQYWLHYRLLNDWGYTRLAKKEREESIEEMHHADKLIDRIIFLEGFPNLQTVSP
LRIGQNVKEVLEADLKGEYDARASYKESREICDKLGDYVSKQLFDELLADEEGHIDFLETQLDLLAKIGGERYGQLNAAP
ADEAE
;
_entity_poly.pdbx_strand_id   A
#
loop_
_chem_comp.id
_chem_comp.type
_chem_comp.name
_chem_comp.formula
CL non-polymer 'CHLORIDE ION' 'Cl -1'
NA non-polymer 'SODIUM ION' 'Na 1'
SO4 non-polymer 'SULFATE ION' 'O4 S -2'
#
# COMPACT_ATOMS: atom_id res chain seq x y z
N GLY A 3 12.03 -32.99 -7.43
CA GLY A 3 11.58 -31.61 -7.56
C GLY A 3 10.90 -31.11 -6.30
N SER A 4 11.09 -29.84 -5.98
CA SER A 4 10.51 -29.30 -4.76
C SER A 4 10.18 -27.83 -4.95
N MET A 5 9.02 -27.42 -4.43
N MET A 5 9.04 -27.40 -4.43
CA MET A 5 8.63 -26.02 -4.39
CA MET A 5 8.67 -26.00 -4.40
C MET A 5 9.31 -25.22 -3.28
C MET A 5 9.17 -25.27 -3.17
N LYS A 6 10.05 -25.89 -2.38
CA LYS A 6 10.58 -25.22 -1.20
C LYS A 6 11.39 -24.01 -1.62
N GLY A 7 10.92 -22.83 -1.27
CA GLY A 7 11.56 -21.62 -1.73
C GLY A 7 12.87 -21.34 -1.03
N GLU A 8 13.60 -20.40 -1.61
CA GLU A 8 14.80 -19.91 -0.97
C GLU A 8 14.42 -19.18 0.31
N PRO A 9 15.06 -19.47 1.44
CA PRO A 9 14.75 -18.72 2.67
C PRO A 9 14.79 -17.21 2.47
N LYS A 10 15.75 -16.71 1.69
CA LYS A 10 15.80 -15.26 1.50
C LYS A 10 14.60 -14.76 0.70
N VAL A 11 14.06 -15.58 -0.20
CA VAL A 11 12.88 -15.16 -0.96
C VAL A 11 11.67 -15.08 -0.05
N ILE A 12 11.48 -16.06 0.82
CA ILE A 12 10.34 -16.02 1.74
C ILE A 12 10.48 -14.85 2.70
N GLU A 13 11.72 -14.48 3.05
CA GLU A 13 11.94 -13.34 3.92
C GLU A 13 11.52 -12.05 3.24
N ARG A 14 11.88 -11.89 1.97
CA ARG A 14 11.47 -10.72 1.21
C ARG A 14 9.95 -10.68 1.06
N LEU A 15 9.33 -11.84 0.82
CA LEU A 15 7.88 -11.91 0.71
C LEU A 15 7.22 -11.52 2.04
N ASN A 16 7.77 -12.01 3.16
CA ASN A 16 7.24 -11.63 4.47
C ASN A 16 7.50 -10.16 4.78
N GLU A 17 8.63 -9.61 4.33
CA GLU A 17 8.85 -8.18 4.52
C GLU A 17 7.82 -7.35 3.75
N ALA A 18 7.51 -7.77 2.51
CA ALA A 18 6.43 -7.14 1.76
C ALA A 18 5.10 -7.26 2.49
N LEU A 19 4.83 -8.42 3.09
CA LEU A 19 3.56 -8.60 3.78
C LEU A 19 3.48 -7.69 4.99
N PHE A 20 4.57 -7.57 5.74
CA PHE A 20 4.69 -6.63 6.85
C PHE A 20 4.28 -5.22 6.41
N LEU A 21 4.85 -4.73 5.31
CA LEU A 21 4.51 -3.41 4.83
C LEU A 21 3.06 -3.36 4.35
N GLU A 22 2.60 -4.43 3.71
CA GLU A 22 1.25 -4.40 3.14
C GLU A 22 0.18 -4.34 4.22
N LEU A 23 0.36 -5.10 5.30
CA LEU A 23 -0.62 -5.04 6.39
C LEU A 23 -0.62 -3.66 7.04
N GLY A 24 0.55 -3.03 7.16
CA GLY A 24 0.60 -1.65 7.62
C GLY A 24 -0.17 -0.70 6.72
N ALA A 25 -0.05 -0.89 5.40
CA ALA A 25 -0.72 -0.01 4.46
C ALA A 25 -2.24 -0.23 4.50
N VAL A 26 -2.68 -1.49 4.54
CA VAL A 26 -4.09 -1.80 4.72
C VAL A 26 -4.64 -1.03 5.90
N ASN A 27 -3.97 -1.11 7.04
CA ASN A 27 -4.52 -0.55 8.28
C ASN A 27 -4.44 0.97 8.29
N GLN A 28 -3.37 1.53 7.70
CA GLN A 28 -3.24 2.98 7.60
C GLN A 28 -4.31 3.56 6.68
N TYR A 29 -4.53 2.91 5.54
CA TYR A 29 -5.59 3.40 4.65
C TYR A 29 -6.96 3.22 5.28
N TRP A 30 -7.17 2.14 6.03
CA TRP A 30 -8.49 1.97 6.59
C TRP A 30 -8.75 3.00 7.67
N LEU A 31 -7.76 3.29 8.50
CA LEU A 31 -7.95 4.32 9.53
C LEU A 31 -8.07 5.70 8.90
N HIS A 32 -7.24 5.98 7.89
CA HIS A 32 -7.38 7.25 7.18
C HIS A 32 -8.78 7.41 6.59
N TYR A 33 -9.30 6.35 5.95
CA TYR A 33 -10.71 6.31 5.60
C TYR A 33 -11.67 6.77 6.69
N ARG A 34 -11.59 6.16 7.88
CA ARG A 34 -12.54 6.49 8.94
C ARG A 34 -12.34 7.90 9.47
N LEU A 35 -11.08 8.34 9.62
CA LEU A 35 -10.83 9.73 10.00
C LEU A 35 -11.34 10.72 8.96
N LEU A 36 -10.98 10.52 7.68
CA LEU A 36 -11.42 11.45 6.65
C LEU A 36 -12.93 11.56 6.62
N ASN A 37 -13.63 10.43 6.71
CA ASN A 37 -15.09 10.46 6.77
C ASN A 37 -15.57 11.29 7.95
N ASP A 38 -14.99 11.04 9.14
CA ASP A 38 -15.39 11.79 10.33
C ASP A 38 -15.11 13.27 10.21
N TRP A 39 -14.10 13.64 9.41
CA TRP A 39 -13.77 15.05 9.20
C TRP A 39 -14.63 15.71 8.12
N GLY A 40 -15.44 14.94 7.40
CA GLY A 40 -16.30 15.46 6.36
C GLY A 40 -15.82 15.26 4.93
N TYR A 41 -14.60 14.73 4.73
CA TYR A 41 -14.04 14.59 3.38
C TYR A 41 -14.44 13.24 2.79
N THR A 42 -15.73 13.11 2.55
CA THR A 42 -16.28 11.80 2.23
C THR A 42 -15.79 11.28 0.88
N ARG A 43 -15.44 12.17 -0.05
CA ARG A 43 -14.95 11.70 -1.35
C ARG A 43 -13.55 11.12 -1.23
N LEU A 44 -12.65 11.82 -0.55
CA LEU A 44 -11.31 11.26 -0.35
C LEU A 44 -11.37 10.01 0.51
N ALA A 45 -12.26 9.99 1.51
CA ALA A 45 -12.44 8.80 2.34
C ALA A 45 -12.79 7.57 1.50
N LYS A 46 -13.72 7.72 0.55
CA LYS A 46 -14.11 6.58 -0.27
C LYS A 46 -12.92 6.05 -1.07
N LYS A 47 -12.11 6.94 -1.65
CA LYS A 47 -10.91 6.51 -2.36
C LYS A 47 -9.92 5.83 -1.43
N GLU A 48 -9.79 6.35 -0.21
CA GLU A 48 -8.87 5.75 0.76
C GLU A 48 -9.31 4.34 1.09
N ARG A 49 -10.62 4.13 1.26
CA ARG A 49 -11.09 2.77 1.53
C ARG A 49 -10.86 1.86 0.33
N GLU A 50 -11.02 2.38 -0.89
CA GLU A 50 -10.74 1.57 -2.07
C GLU A 50 -9.27 1.15 -2.09
N GLU A 51 -8.37 2.06 -1.67
CA GLU A 51 -6.95 1.76 -1.70
C GLU A 51 -6.57 0.76 -0.60
N SER A 52 -7.19 0.87 0.57
CA SER A 52 -7.01 -0.19 1.57
C SER A 52 -7.32 -1.55 0.99
N ILE A 53 -8.45 -1.66 0.27
CA ILE A 53 -8.83 -2.95 -0.30
C ILE A 53 -7.83 -3.42 -1.35
N GLU A 54 -7.35 -2.50 -2.22
CA GLU A 54 -6.28 -2.85 -3.15
C GLU A 54 -5.05 -3.40 -2.41
N GLU A 55 -4.69 -2.80 -1.26
CA GLU A 55 -3.56 -3.33 -0.51
C GLU A 55 -3.88 -4.71 0.10
N MET A 56 -5.14 -4.94 0.49
N MET A 56 -5.14 -4.95 0.47
CA MET A 56 -5.53 -6.29 0.92
CA MET A 56 -5.52 -6.29 0.93
C MET A 56 -5.24 -7.32 -0.16
C MET A 56 -5.28 -7.34 -0.15
N HIS A 57 -5.55 -6.99 -1.41
CA HIS A 57 -5.31 -7.94 -2.49
C HIS A 57 -3.82 -8.23 -2.66
N HIS A 58 -2.98 -7.19 -2.57
CA HIS A 58 -1.53 -7.39 -2.54
C HIS A 58 -1.11 -8.33 -1.40
N ALA A 59 -1.56 -8.04 -0.18
CA ALA A 59 -1.25 -8.93 0.94
C ALA A 59 -1.70 -10.36 0.65
N ASP A 60 -2.88 -10.53 0.05
CA ASP A 60 -3.36 -11.88 -0.21
C ASP A 60 -2.48 -12.62 -1.21
N LYS A 61 -2.01 -11.93 -2.26
CA LYS A 61 -1.12 -12.56 -3.24
C LYS A 61 0.19 -12.98 -2.60
N LEU A 62 0.75 -12.12 -1.74
CA LEU A 62 1.97 -12.45 -1.02
C LEU A 62 1.77 -13.65 -0.11
N ILE A 63 0.68 -13.67 0.66
CA ILE A 63 0.41 -14.82 1.53
C ILE A 63 0.38 -16.10 0.71
N ASP A 64 -0.37 -16.08 -0.40
CA ASP A 64 -0.52 -17.26 -1.25
C ASP A 64 0.83 -17.74 -1.79
N ARG A 65 1.69 -16.81 -2.19
CA ARG A 65 2.99 -17.18 -2.73
C ARG A 65 3.90 -17.78 -1.66
N ILE A 66 3.90 -17.21 -0.45
CA ILE A 66 4.70 -17.76 0.66
C ILE A 66 4.28 -19.20 0.97
N ILE A 67 2.97 -19.46 1.01
CA ILE A 67 2.52 -20.81 1.31
C ILE A 67 2.92 -21.77 0.18
N PHE A 68 2.85 -21.30 -1.06
CA PHE A 68 3.27 -22.15 -2.18
C PHE A 68 4.75 -22.49 -2.11
N LEU A 69 5.57 -21.55 -1.64
CA LEU A 69 6.98 -21.80 -1.44
C LEU A 69 7.24 -22.60 -0.15
N GLU A 70 6.18 -23.09 0.50
CA GLU A 70 6.29 -23.86 1.75
C GLU A 70 6.90 -23.04 2.88
N GLY A 71 6.74 -21.72 2.85
CA GLY A 71 7.11 -20.87 3.96
C GLY A 71 5.89 -20.57 4.84
N PHE A 72 6.14 -19.79 5.88
CA PHE A 72 5.08 -19.47 6.84
C PHE A 72 4.82 -17.97 6.83
N PRO A 73 3.65 -17.52 6.34
CA PRO A 73 3.37 -16.09 6.32
C PRO A 73 3.20 -15.56 7.74
N ASN A 74 3.75 -14.38 7.97
CA ASN A 74 3.66 -13.73 9.27
C ASN A 74 2.62 -12.64 9.19
N LEU A 75 1.48 -12.83 9.87
CA LEU A 75 0.47 -11.79 9.95
C LEU A 75 0.38 -11.22 11.38
N GLN A 76 1.39 -11.49 12.21
CA GLN A 76 1.34 -11.10 13.63
C GLN A 76 1.68 -9.63 13.86
N THR A 77 2.48 -9.04 12.97
CA THR A 77 2.98 -7.68 13.13
C THR A 77 2.66 -6.88 11.86
N VAL A 78 2.58 -5.57 12.00
CA VAL A 78 2.31 -4.72 10.84
C VAL A 78 3.28 -3.54 10.92
N SER A 79 3.65 -3.02 9.76
CA SER A 79 4.71 -2.02 9.69
C SER A 79 4.23 -0.71 10.32
N PRO A 80 5.16 0.18 10.69
CA PRO A 80 4.76 1.38 11.43
C PRO A 80 3.78 2.22 10.63
N LEU A 81 2.68 2.61 11.29
CA LEU A 81 1.67 3.43 10.64
C LEU A 81 2.06 4.89 10.70
N ARG A 82 1.71 5.61 9.65
CA ARG A 82 1.84 7.07 9.64
C ARG A 82 0.43 7.61 9.54
N ILE A 83 -0.07 8.20 10.62
CA ILE A 83 -1.46 8.65 10.67
C ILE A 83 -1.47 10.18 10.62
N GLY A 84 -2.13 10.74 9.60
CA GLY A 84 -2.19 12.17 9.47
C GLY A 84 -3.29 12.79 10.30
N GLN A 85 -3.16 14.10 10.56
CA GLN A 85 -4.14 14.82 11.35
C GLN A 85 -4.87 15.88 10.56
N ASN A 86 -4.61 16.00 9.27
CA ASN A 86 -5.40 16.82 8.36
C ASN A 86 -5.26 16.20 6.97
N VAL A 87 -5.99 16.74 6.01
CA VAL A 87 -6.03 16.12 4.68
C VAL A 87 -4.65 16.01 4.07
N LYS A 88 -3.88 17.11 4.09
CA LYS A 88 -2.56 17.07 3.46
C LYS A 88 -1.63 16.07 4.15
N GLU A 89 -1.65 16.01 5.49
CA GLU A 89 -0.82 15.03 6.20
C GLU A 89 -1.20 13.60 5.84
N VAL A 90 -2.50 13.34 5.65
CA VAL A 90 -2.93 12.01 5.25
C VAL A 90 -2.30 11.63 3.91
N LEU A 91 -2.35 12.54 2.93
CA LEU A 91 -1.78 12.23 1.62
C LEU A 91 -0.27 12.05 1.72
N GLU A 92 0.38 12.92 2.49
CA GLU A 92 1.84 12.83 2.67
C GLU A 92 2.23 11.54 3.37
N ALA A 93 1.45 11.13 4.37
CA ALA A 93 1.72 9.88 5.07
C ALA A 93 1.54 8.68 4.15
N ASP A 94 0.46 8.66 3.37
CA ASP A 94 0.27 7.59 2.38
C ASP A 94 1.44 7.55 1.39
N LEU A 95 1.89 8.72 0.95
CA LEU A 95 2.96 8.77 -0.05
C LEU A 95 4.25 8.17 0.49
N LYS A 96 4.57 8.46 1.76
CA LYS A 96 5.78 7.91 2.38
C LYS A 96 5.72 6.40 2.46
N GLY A 97 4.54 5.86 2.81
CA GLY A 97 4.39 4.42 2.84
C GLY A 97 4.52 3.79 1.47
N GLU A 98 4.00 4.49 0.44
CA GLU A 98 4.12 4.00 -0.92
C GLU A 98 5.58 3.95 -1.37
N TYR A 99 6.36 4.98 -1.03
CA TYR A 99 7.79 4.97 -1.35
C TYR A 99 8.53 3.85 -0.61
N ASP A 100 8.15 3.59 0.65
CA ASP A 100 8.71 2.44 1.38
C ASP A 100 8.41 1.14 0.65
N ALA A 101 7.16 0.95 0.21
CA ALA A 101 6.80 -0.25 -0.53
C ALA A 101 7.57 -0.33 -1.83
N ARG A 102 7.57 0.77 -2.60
CA ARG A 102 8.34 0.81 -3.85
C ARG A 102 9.79 0.37 -3.64
N ALA A 103 10.49 0.98 -2.68
CA ALA A 103 11.89 0.65 -2.48
C ALA A 103 12.05 -0.82 -2.05
N SER A 104 11.14 -1.32 -1.22
CA SER A 104 11.22 -2.70 -0.75
C SER A 104 11.04 -3.67 -1.91
N TYR A 105 10.07 -3.39 -2.80
CA TYR A 105 9.76 -4.33 -3.87
C TYR A 105 10.82 -4.29 -4.96
N LYS A 106 11.42 -3.11 -5.20
CA LYS A 106 12.53 -3.05 -6.14
C LYS A 106 13.69 -3.91 -5.66
N GLU A 107 14.06 -3.79 -4.38
CA GLU A 107 15.14 -4.65 -3.89
C GLU A 107 14.75 -6.11 -3.93
N SER A 108 13.47 -6.41 -3.63
CA SER A 108 13.02 -7.80 -3.61
C SER A 108 13.01 -8.43 -5.00
N ARG A 109 12.55 -7.70 -6.01
CA ARG A 109 12.62 -8.26 -7.34
C ARG A 109 14.07 -8.58 -7.73
N GLU A 110 15.02 -7.78 -7.26
CA GLU A 110 16.43 -8.03 -7.59
C GLU A 110 16.95 -9.28 -6.90
N ILE A 111 16.55 -9.50 -5.64
CA ILE A 111 17.01 -10.68 -4.92
C ILE A 111 16.41 -11.95 -5.50
N CYS A 112 15.09 -11.93 -5.80
CA CYS A 112 14.44 -13.08 -6.42
C CYS A 112 15.07 -13.41 -7.76
N ASP A 113 15.35 -12.39 -8.55
CA ASP A 113 16.01 -12.60 -9.84
C ASP A 113 17.37 -13.25 -9.64
N LYS A 114 18.17 -12.68 -8.73
CA LYS A 114 19.50 -13.23 -8.51
C LYS A 114 19.43 -14.68 -8.06
N LEU A 115 18.43 -15.04 -7.25
CA LEU A 115 18.36 -16.41 -6.74
C LEU A 115 17.63 -17.37 -7.67
N GLY A 116 17.14 -16.92 -8.82
CA GLY A 116 16.52 -17.82 -9.77
C GLY A 116 15.05 -18.11 -9.54
N ASP A 117 14.35 -17.28 -8.78
CA ASP A 117 12.93 -17.47 -8.54
C ASP A 117 12.22 -16.41 -9.37
N TYR A 118 12.05 -16.70 -10.65
CA TYR A 118 11.56 -15.68 -11.57
C TYR A 118 10.06 -15.43 -11.41
N VAL A 119 9.31 -16.42 -10.91
CA VAL A 119 7.88 -16.21 -10.70
C VAL A 119 7.65 -15.32 -9.48
N SER A 120 8.45 -15.48 -8.41
CA SER A 120 8.37 -14.53 -7.30
C SER A 120 8.84 -13.16 -7.76
N LYS A 121 9.92 -13.11 -8.54
CA LYS A 121 10.36 -11.85 -9.13
C LYS A 121 9.22 -11.16 -9.88
N GLN A 122 8.50 -11.92 -10.72
CA GLN A 122 7.33 -11.38 -11.43
C GLN A 122 6.31 -10.79 -10.46
N LEU A 123 6.05 -11.47 -9.34
CA LEU A 123 5.08 -10.93 -8.41
C LEU A 123 5.53 -9.58 -7.86
N PHE A 124 6.82 -9.43 -7.55
CA PHE A 124 7.30 -8.14 -7.08
C PHE A 124 7.26 -7.10 -8.18
N ASP A 125 7.48 -7.52 -9.43
CA ASP A 125 7.38 -6.60 -10.57
C ASP A 125 5.96 -6.06 -10.73
N GLU A 126 4.95 -6.91 -10.53
CA GLU A 126 3.57 -6.44 -10.63
C GLU A 126 3.20 -5.50 -9.49
N LEU A 127 3.64 -5.83 -8.28
CA LEU A 127 3.35 -4.94 -7.15
C LEU A 127 4.06 -3.60 -7.34
N LEU A 128 5.30 -3.64 -7.82
CA LEU A 128 6.06 -2.42 -8.09
C LEU A 128 5.31 -1.49 -9.04
N ALA A 129 4.85 -2.04 -10.18
CA ALA A 129 4.04 -1.23 -11.10
C ALA A 129 2.80 -0.66 -10.40
N ASP A 130 2.10 -1.49 -9.61
CA ASP A 130 0.91 -1.01 -8.92
C ASP A 130 1.24 0.13 -7.95
N GLU A 131 2.33 0.01 -7.20
CA GLU A 131 2.66 1.07 -6.24
C GLU A 131 3.03 2.35 -6.95
N GLU A 132 3.74 2.23 -8.09
CA GLU A 132 4.09 3.45 -8.82
C GLU A 132 2.84 4.14 -9.35
N GLY A 133 1.82 3.37 -9.74
CA GLY A 133 0.55 3.99 -10.11
C GLY A 133 -0.06 4.76 -8.96
N HIS A 134 0.05 4.20 -7.75
CA HIS A 134 -0.56 4.92 -6.63
C HIS A 134 0.29 6.11 -6.21
N ILE A 135 1.62 6.03 -6.39
CA ILE A 135 2.46 7.21 -6.17
C ILE A 135 2.08 8.31 -7.16
N ASP A 136 1.88 7.96 -8.43
CA ASP A 136 1.31 8.89 -9.41
C ASP A 136 0.10 9.62 -8.86
N PHE A 137 -0.90 8.87 -8.42
CA PHE A 137 -2.14 9.44 -7.93
C PHE A 137 -1.88 10.39 -6.77
N LEU A 138 -1.11 9.94 -5.76
CA LEU A 138 -0.90 10.74 -4.56
C LEU A 138 -0.12 12.01 -4.86
N GLU A 139 0.92 11.92 -5.69
CA GLU A 139 1.65 13.12 -6.06
C GLU A 139 0.79 14.07 -6.87
N THR A 140 -0.11 13.54 -7.70
CA THR A 140 -1.03 14.43 -8.42
C THR A 140 -1.94 15.16 -7.43
N GLN A 141 -2.52 14.43 -6.47
CA GLN A 141 -3.42 15.05 -5.49
C GLN A 141 -2.68 16.10 -4.66
N LEU A 142 -1.44 15.82 -4.24
CA LEU A 142 -0.68 16.81 -3.51
C LEU A 142 -0.31 18.01 -4.40
N ASP A 143 -0.09 17.79 -5.68
CA ASP A 143 0.15 18.91 -6.57
C ASP A 143 -1.10 19.80 -6.67
N LEU A 144 -2.26 19.16 -6.85
CA LEU A 144 -3.51 19.90 -6.93
C LEU A 144 -3.75 20.68 -5.64
N LEU A 145 -3.52 20.03 -4.48
CA LEU A 145 -3.76 20.68 -3.19
C LEU A 145 -2.88 21.92 -3.02
N ALA A 146 -1.62 21.85 -3.44
CA ALA A 146 -0.75 23.02 -3.38
C ALA A 146 -1.23 24.14 -4.30
N LYS A 147 -1.71 23.80 -5.50
CA LYS A 147 -2.10 24.82 -6.47
C LYS A 147 -3.44 25.48 -6.16
N ILE A 148 -4.47 24.71 -5.77
CA ILE A 148 -5.74 25.38 -5.46
C ILE A 148 -5.88 25.70 -3.99
N GLY A 149 -4.97 25.24 -3.15
CA GLY A 149 -5.02 25.51 -1.72
C GLY A 149 -5.76 24.42 -0.95
N GLY A 150 -5.32 24.22 0.30
CA GLY A 150 -5.85 23.10 1.07
C GLY A 150 -7.33 23.20 1.37
N GLU A 151 -7.82 24.41 1.63
CA GLU A 151 -9.25 24.51 1.94
C GLU A 151 -10.10 24.22 0.71
N ARG A 152 -9.67 24.66 -0.49
CA ARG A 152 -10.44 24.32 -1.69
C ARG A 152 -10.30 22.84 -2.01
N TYR A 153 -9.13 22.25 -1.77
CA TYR A 153 -8.97 20.82 -1.98
C TYR A 153 -9.87 20.04 -1.04
N GLY A 154 -10.00 20.50 0.21
CA GLY A 154 -10.91 19.81 1.13
C GLY A 154 -12.35 19.92 0.69
N GLN A 155 -12.78 21.12 0.28
CA GLN A 155 -14.14 21.29 -0.20
C GLN A 155 -14.44 20.41 -1.41
N LEU A 156 -13.49 20.34 -2.35
CA LEU A 156 -13.66 19.50 -3.53
C LEU A 156 -13.86 18.05 -3.15
N ASN A 157 -13.25 17.59 -2.05
CA ASN A 157 -13.33 16.20 -1.65
C ASN A 157 -14.28 15.96 -0.49
N ALA A 158 -15.22 16.88 -0.25
CA ALA A 158 -16.29 16.74 0.73
C ALA A 158 -17.63 16.63 0.02
N ALA A 159 -18.55 15.92 0.63
CA ALA A 159 -19.88 15.85 0.06
C ALA A 159 -20.80 16.85 0.73
N PRO A 160 -21.83 17.31 0.03
CA PRO A 160 -22.85 18.16 0.69
C PRO A 160 -23.61 17.35 1.73
N ALA A 161 -24.32 18.09 2.60
CA ALA A 161 -24.87 17.48 3.80
C ALA A 161 -25.97 16.48 3.49
N ASP A 162 -26.67 16.63 2.36
CA ASP A 162 -27.74 15.69 2.05
C ASP A 162 -27.24 14.42 1.38
N GLU A 163 -25.93 14.27 1.21
CA GLU A 163 -25.38 13.01 0.72
C GLU A 163 -24.07 12.66 1.43
N ALA A 164 -23.75 13.32 2.54
CA ALA A 164 -22.54 13.03 3.31
C ALA A 164 -22.69 11.72 4.11
NA NA B . -15.01 26.75 -4.17
CL CL C . -13.24 29.17 -2.84
S SO4 D . 12.84 -9.54 -16.60
O1 SO4 D . 13.44 -10.40 -17.62
O2 SO4 D . 13.51 -9.80 -15.31
O3 SO4 D . 13.03 -8.14 -16.96
O4 SO4 D . 11.42 -9.83 -16.48
S SO4 E . -9.68 32.64 -0.52
O1 SO4 E . -8.58 31.83 -1.06
O2 SO4 E . -10.24 31.98 0.64
O3 SO4 E . -9.16 33.95 -0.15
O4 SO4 E . -10.71 32.80 -1.55
S SO4 F . 9.08 9.16 8.52
O1 SO4 F . 9.35 8.26 7.38
O2 SO4 F . 9.84 8.72 9.67
O3 SO4 F . 9.48 10.52 8.15
O4 SO4 F . 7.66 9.16 8.84
NA NA G . 17.20 -9.55 -16.03
NA NA H . 0.52 -2.53 -2.32
#